data_3MST
#
_entry.id   3MST
#
_cell.length_a   35.042
_cell.length_b   80.040
_cell.length_c   42.522
_cell.angle_alpha   90.000
_cell.angle_beta   104.670
_cell.angle_gamma   90.000
#
_symmetry.space_group_name_H-M   'P 1 21 1'
#
loop_
_entity.id
_entity.type
_entity.pdbx_description
1 polymer 'Putative nitrate transport protein'
2 non-polymer 'UNKNOWN LIGAND'
3 non-polymer 'CHLORIDE ION'
4 non-polymer 'ACETATE ION'
5 non-polymer 1,2-ETHANEDIOL
6 water water
#
_entity_poly.entity_id   1
_entity_poly.type   'polypeptide(L)'
_entity_poly.pdbx_seq_one_letter_code
;(MSE)GSDKIHHHHHHENLYFQG(MSE)DVG(MSE)PFSGPVSFPLLVIEEELPFRIHNICSETGKFDVVLDSITN
(MSE)PKYGLKIFAGVRID(MSE)YSILGDESSGRIYTLRKGTLADFNARILAYYDKAQVINADGDTCIK(MSE)ANEGY
SALVGNEISIGKSFRNR(MSE)KELGLDLPSCA(MSE)ASTRRIDEVIEAYEQGIDFIKNNHERAAEIISKKSGYYSEEV
(MSE)KKIIGIYGHEVTKKRAELVGSRELYSRVVPELNDIEIIG
;
_entity_poly.pdbx_strand_id   A
#
loop_
_chem_comp.id
_chem_comp.type
_chem_comp.name
_chem_comp.formula
ACT non-polymer 'ACETATE ION' 'C2 H3 O2 -1'
CL non-polymer 'CHLORIDE ION' 'Cl -1'
EDO non-polymer 1,2-ETHANEDIOL 'C2 H6 O2'
UNL non-polymer 'UNKNOWN LIGAND' ?
#
# COMPACT_ATOMS: atom_id res chain seq x y z
N HIS A 12 -23.79 -15.27 20.16
CA HIS A 12 -23.12 -15.95 19.01
C HIS A 12 -21.90 -15.16 18.48
N GLU A 13 -20.92 -14.96 19.37
CA GLU A 13 -19.67 -14.26 19.01
C GLU A 13 -18.78 -15.12 18.07
N ASN A 14 -18.89 -16.47 18.16
CA ASN A 14 -18.26 -17.38 17.16
C ASN A 14 -18.90 -17.16 15.78
N LEU A 15 -19.85 -16.23 15.59
CA LEU A 15 -20.22 -15.85 14.22
C LEU A 15 -19.07 -15.16 13.46
N TYR A 16 -18.16 -14.47 14.15
CA TYR A 16 -16.85 -14.08 13.52
C TYR A 16 -15.95 -15.30 13.65
N PHE A 17 -15.20 -15.57 12.58
CA PHE A 17 -14.23 -16.68 12.62
C PHE A 17 -13.18 -16.48 13.68
N GLN A 18 -13.13 -17.42 14.62
CA GLN A 18 -12.16 -17.39 15.69
C GLN A 18 -10.77 -17.61 15.11
N GLY A 19 -9.81 -16.80 15.53
CA GLY A 19 -8.44 -16.95 15.02
C GLY A 19 -8.22 -16.38 13.63
N MSE A 20 -9.11 -15.48 13.18
CA MSE A 20 -8.94 -14.81 11.89
C MSE A 20 -9.01 -13.28 12.12
O MSE A 20 -9.51 -12.56 11.26
CB MSE A 20 -9.98 -15.28 10.90
CG MSE A 20 -9.57 -15.06 9.40
SE MSE A 20 -11.02 -15.55 8.20
CE MSE A 20 -10.94 -17.47 8.43
N ASP A 21 -8.49 -12.81 13.28
CA ASP A 21 -8.34 -11.36 13.57
C ASP A 21 -7.29 -10.77 12.62
N VAL A 22 -7.69 -9.75 11.85
CA VAL A 22 -6.83 -9.17 10.77
C VAL A 22 -6.42 -7.75 11.18
N GLY A 23 -5.12 -7.51 11.24
CA GLY A 23 -4.59 -6.16 11.47
C GLY A 23 -4.14 -5.52 10.16
N MSE A 24 -4.35 -4.21 10.07
CA MSE A 24 -3.99 -3.45 8.86
C MSE A 24 -3.98 -1.95 9.24
O MSE A 24 -4.69 -1.53 10.14
CB MSE A 24 -4.99 -3.67 7.75
CG MSE A 24 -6.38 -3.18 8.12
SE MSE A 24 -7.75 -4.00 6.98
CE MSE A 24 -7.63 -5.76 7.81
N PRO A 25 -3.17 -1.15 8.55
CA PRO A 25 -3.21 0.28 8.80
C PRO A 25 -4.40 0.93 8.11
N PHE A 26 -5.30 1.56 8.87
CA PHE A 26 -6.49 2.09 8.25
C PHE A 26 -6.19 3.33 7.39
N SER A 27 -5.04 3.95 7.61
CA SER A 27 -4.62 5.02 6.73
C SER A 27 -3.86 4.56 5.48
N GLY A 28 -3.58 3.26 5.39
CA GLY A 28 -2.91 2.71 4.23
C GLY A 28 -3.93 2.22 3.25
N PRO A 29 -3.77 2.54 1.94
CA PRO A 29 -4.74 2.05 0.93
C PRO A 29 -4.89 0.55 0.87
N VAL A 30 -3.92 -0.22 1.36
CA VAL A 30 -4.08 -1.68 1.39
C VAL A 30 -5.32 -2.08 2.19
N SER A 31 -5.71 -1.28 3.19
CA SER A 31 -6.89 -1.60 3.99
C SER A 31 -8.23 -1.30 3.35
N PHE A 32 -8.25 -0.47 2.31
CA PHE A 32 -9.51 0.15 1.91
C PHE A 32 -10.55 -0.87 1.46
N PRO A 33 -10.19 -1.94 0.72
CA PRO A 33 -11.21 -2.91 0.33
C PRO A 33 -11.89 -3.56 1.51
N LEU A 34 -11.22 -3.74 2.64
CA LEU A 34 -11.87 -4.35 3.82
C LEU A 34 -12.62 -3.29 4.63
N LEU A 35 -12.17 -2.02 4.65
CA LEU A 35 -12.89 -0.97 5.34
C LEU A 35 -14.27 -0.81 4.78
N VAL A 36 -14.38 -0.84 3.46
CA VAL A 36 -15.65 -0.44 2.83
C VAL A 36 -16.75 -1.44 3.08
N ILE A 37 -16.40 -2.72 3.26
CA ILE A 37 -17.41 -3.77 3.50
C ILE A 37 -17.22 -4.41 4.89
N GLU A 38 -16.61 -3.67 5.83
CA GLU A 38 -16.30 -4.20 7.15
C GLU A 38 -17.50 -4.95 7.81
N GLU A 39 -18.65 -4.29 7.73
CA GLU A 39 -19.86 -4.73 8.37
C GLU A 39 -20.42 -6.02 7.79
N GLU A 40 -19.92 -6.48 6.65
N GLU A 40 -19.92 -6.44 6.64
CA GLU A 40 -20.33 -7.76 6.06
CA GLU A 40 -20.33 -7.70 6.02
C GLU A 40 -19.33 -8.88 6.36
C GLU A 40 -19.26 -8.79 6.10
N LEU A 41 -18.13 -8.50 6.76
CA LEU A 41 -17.08 -9.47 6.88
C LEU A 41 -17.37 -10.49 7.96
N PRO A 42 -16.95 -11.75 7.73
CA PRO A 42 -17.06 -12.80 8.72
C PRO A 42 -15.86 -12.90 9.65
N PHE A 43 -14.95 -11.92 9.55
CA PHE A 43 -13.82 -11.81 10.45
C PHE A 43 -13.69 -10.35 10.88
N ARG A 44 -13.00 -10.18 11.99
CA ARG A 44 -12.76 -8.87 12.61
C ARG A 44 -11.51 -8.20 12.05
N ILE A 45 -11.59 -6.89 11.87
CA ILE A 45 -10.43 -6.11 11.47
C ILE A 45 -10.03 -5.12 12.57
N HIS A 46 -8.76 -4.75 12.57
CA HIS A 46 -8.15 -3.93 13.61
C HIS A 46 -7.15 -2.96 12.97
N ASN A 47 -7.16 -1.73 13.47
CA ASN A 47 -6.30 -0.66 12.94
C ASN A 47 -4.97 -0.60 13.62
N ILE A 48 -3.90 -1.02 12.95
N ILE A 48 -3.93 -1.07 12.93
CA ILE A 48 -2.58 -0.99 13.58
CA ILE A 48 -2.54 -1.02 13.42
C ILE A 48 -1.97 0.42 13.62
C ILE A 48 -2.10 0.40 13.77
N CYS A 49 -2.70 1.42 13.12
CA CYS A 49 -2.32 2.82 13.35
C CYS A 49 -2.72 3.28 14.75
N SER A 50 -3.68 2.62 15.37
CA SER A 50 -4.19 3.00 16.65
C SER A 50 -4.09 1.95 17.75
N GLU A 51 -3.76 0.70 17.39
CA GLU A 51 -3.68 -0.46 18.31
C GLU A 51 -2.29 -1.04 18.04
N THR A 52 -1.53 -1.40 19.07
CA THR A 52 -0.33 -2.18 18.84
C THR A 52 -0.61 -3.55 19.43
N GLY A 53 -0.44 -4.57 18.61
CA GLY A 53 -0.71 -5.95 19.02
C GLY A 53 -0.28 -7.00 18.04
N LYS A 54 -0.63 -8.24 18.39
CA LYS A 54 -0.41 -9.42 17.59
C LYS A 54 -1.76 -9.77 16.96
N PHE A 55 -1.73 -10.11 15.68
CA PHE A 55 -2.91 -10.50 14.90
C PHE A 55 -2.68 -11.80 14.19
N ASP A 56 -3.77 -12.50 13.87
CA ASP A 56 -3.67 -13.76 13.13
C ASP A 56 -3.22 -13.57 11.67
N VAL A 57 -3.68 -12.48 11.07
CA VAL A 57 -3.43 -12.09 9.69
C VAL A 57 -3.09 -10.61 9.68
N VAL A 58 -2.13 -10.22 8.84
N VAL A 58 -2.14 -10.22 8.84
CA VAL A 58 -1.73 -8.83 8.69
CA VAL A 58 -1.76 -8.83 8.69
C VAL A 58 -1.75 -8.46 7.21
C VAL A 58 -1.76 -8.47 7.22
N LEU A 59 -2.24 -7.26 6.92
CA LEU A 59 -2.16 -6.67 5.58
C LEU A 59 -1.37 -5.37 5.77
N ASP A 60 -0.33 -5.18 4.96
CA ASP A 60 0.50 -3.98 5.08
C ASP A 60 1.41 -3.90 3.87
N SER A 61 2.16 -2.82 3.78
N SER A 61 2.16 -2.82 3.77
N SER A 61 2.18 -2.83 3.79
CA SER A 61 3.29 -2.72 2.86
CA SER A 61 3.25 -2.72 2.82
CA SER A 61 3.27 -2.76 2.84
C SER A 61 4.20 -3.93 3.02
C SER A 61 4.21 -3.89 3.01
C SER A 61 4.16 -3.98 3.01
N ILE A 62 4.72 -4.46 1.91
CA ILE A 62 5.64 -5.57 1.98
C ILE A 62 6.87 -5.20 2.82
N THR A 63 7.22 -3.90 2.79
CA THR A 63 8.36 -3.40 3.50
C THR A 63 8.20 -3.48 5.00
N ASN A 64 6.96 -3.61 5.51
CA ASN A 64 6.74 -3.82 6.93
C ASN A 64 6.64 -5.26 7.34
N MSE A 65 6.65 -6.18 6.42
CA MSE A 65 6.46 -7.59 6.75
C MSE A 65 7.47 -8.14 7.76
O MSE A 65 7.09 -9.00 8.51
CB MSE A 65 6.42 -8.46 5.50
CG MSE A 65 5.20 -8.25 4.65
SE MSE A 65 3.60 -8.95 5.50
CE MSE A 65 2.86 -7.25 5.60
N PRO A 66 8.74 -7.67 7.79
CA PRO A 66 9.67 -8.23 8.78
C PRO A 66 9.25 -7.98 10.23
N LYS A 67 8.42 -6.97 10.48
CA LYS A 67 7.89 -6.69 11.82
C LYS A 67 6.98 -7.78 12.36
N TYR A 68 6.32 -8.53 11.50
CA TYR A 68 5.22 -9.39 11.94
C TYR A 68 5.62 -10.86 12.05
N GLY A 69 6.68 -11.29 11.36
CA GLY A 69 7.11 -12.68 11.45
C GLY A 69 6.14 -13.70 10.91
N LEU A 70 5.28 -13.27 10.01
CA LEU A 70 4.29 -14.13 9.39
C LEU A 70 4.74 -14.48 7.96
N LYS A 71 3.99 -15.33 7.28
CA LYS A 71 4.31 -15.81 5.93
C LYS A 71 3.39 -15.16 4.92
N ILE A 72 3.98 -14.60 3.88
CA ILE A 72 3.21 -13.94 2.83
C ILE A 72 2.43 -14.93 1.99
N PHE A 73 1.12 -14.76 1.85
CA PHE A 73 0.30 -15.64 1.01
C PHE A 73 -0.39 -14.99 -0.15
N ALA A 74 -0.39 -13.64 -0.21
CA ALA A 74 -0.98 -12.94 -1.32
C ALA A 74 -0.36 -11.55 -1.34
N GLY A 75 -0.42 -10.96 -2.53
CA GLY A 75 0.09 -9.60 -2.76
C GLY A 75 -1.01 -8.73 -3.33
N VAL A 76 -0.81 -7.41 -3.18
CA VAL A 76 -1.75 -6.46 -3.78
C VAL A 76 -0.94 -5.41 -4.55
N ARG A 77 -1.27 -5.19 -5.83
CA ARG A 77 -0.78 -4.03 -6.56
C ARG A 77 -1.77 -2.88 -6.32
N ILE A 78 -1.26 -1.71 -5.94
CA ILE A 78 -2.08 -0.53 -5.70
C ILE A 78 -1.30 0.68 -6.20
N ASP A 79 -1.92 1.53 -7.03
CA ASP A 79 -1.21 2.68 -7.56
C ASP A 79 -1.46 3.86 -6.65
N MSE A 80 -0.54 4.06 -5.71
CA MSE A 80 -0.72 4.98 -4.57
C MSE A 80 0.14 6.24 -4.65
O MSE A 80 -0.10 7.17 -3.89
CB MSE A 80 -0.33 4.26 -3.27
CG MSE A 80 -1.12 3.04 -3.00
SE MSE A 80 -0.56 2.04 -1.47
CE MSE A 80 0.95 1.12 -2.20
N TYR A 81 1.15 6.24 -5.52
CA TYR A 81 2.18 7.29 -5.54
C TYR A 81 2.31 7.96 -6.90
N SER A 82 2.76 9.23 -6.85
CA SER A 82 2.97 10.04 -8.02
C SER A 82 4.40 10.59 -8.00
N ILE A 83 4.99 10.64 -9.18
CA ILE A 83 6.30 11.27 -9.39
C ILE A 83 6.04 12.68 -9.94
N LEU A 84 6.62 13.66 -9.28
CA LEU A 84 6.57 15.07 -9.63
C LEU A 84 7.91 15.50 -10.18
N GLY A 85 7.90 16.45 -11.09
CA GLY A 85 9.14 17.07 -11.49
C GLY A 85 10.02 16.27 -12.43
N ASP A 86 11.31 16.60 -12.35
CA ASP A 86 12.29 16.19 -13.35
C ASP A 86 13.20 15.07 -12.83
N GLU A 87 12.93 13.84 -13.28
CA GLU A 87 13.67 12.66 -12.84
C GLU A 87 15.15 12.63 -13.22
N SER A 88 15.56 13.54 -14.09
N SER A 88 15.60 13.54 -14.08
CA SER A 88 16.96 13.65 -14.46
CA SER A 88 17.03 13.62 -14.40
C SER A 88 17.69 14.74 -13.70
C SER A 88 17.80 14.59 -13.52
N SER A 89 17.09 15.27 -12.62
CA SER A 89 17.67 16.37 -11.86
C SER A 89 18.66 16.00 -10.78
N GLY A 90 18.75 14.71 -10.40
CA GLY A 90 19.66 14.26 -9.36
C GLY A 90 19.17 14.18 -7.93
N ARG A 91 17.93 14.64 -7.70
CA ARG A 91 17.33 14.50 -6.37
C ARG A 91 15.90 14.02 -6.50
N ILE A 92 15.51 13.11 -5.62
CA ILE A 92 14.11 12.73 -5.43
C ILE A 92 13.75 13.07 -3.99
N TYR A 93 12.89 14.07 -3.85
CA TYR A 93 12.32 14.43 -2.54
C TYR A 93 11.18 13.47 -2.22
N THR A 94 11.05 13.06 -0.97
CA THR A 94 9.95 12.19 -0.58
C THR A 94 9.60 12.43 0.87
N LEU A 95 8.76 11.56 1.40
CA LEU A 95 8.27 11.66 2.76
C LEU A 95 9.24 11.09 3.79
N ARG A 96 8.86 10.93 5.05
N ARG A 96 8.77 10.76 4.98
CA ARG A 96 9.86 10.61 6.03
CA ARG A 96 9.63 10.37 6.07
C ARG A 96 10.45 9.21 5.81
C ARG A 96 10.43 9.09 5.79
N LYS A 97 11.67 9.03 6.31
CA LYS A 97 12.39 7.76 6.23
C LYS A 97 11.59 6.61 6.82
N GLY A 98 11.67 5.48 6.12
CA GLY A 98 11.00 4.26 6.51
C GLY A 98 9.55 4.12 6.07
N THR A 99 9.01 5.15 5.42
CA THR A 99 7.71 5.00 4.78
C THR A 99 7.87 4.21 3.48
N LEU A 100 6.77 3.64 2.97
CA LEU A 100 6.83 2.99 1.67
C LEU A 100 7.22 4.00 0.58
N ALA A 101 6.81 5.27 0.73
CA ALA A 101 7.24 6.30 -0.22
C ALA A 101 8.78 6.37 -0.24
N ASP A 102 9.40 6.48 0.94
CA ASP A 102 10.85 6.47 1.04
C ASP A 102 11.48 5.26 0.39
N PHE A 103 10.96 4.07 0.67
CA PHE A 103 11.58 2.88 0.14
C PHE A 103 11.42 2.90 -1.40
N ASN A 104 10.26 3.27 -1.92
CA ASN A 104 10.07 3.40 -3.35
C ASN A 104 11.03 4.41 -3.97
N ALA A 105 11.19 5.56 -3.30
CA ALA A 105 12.11 6.59 -3.79
C ALA A 105 13.53 6.05 -3.88
N ARG A 106 13.95 5.32 -2.86
CA ARG A 106 15.30 4.71 -2.86
C ARG A 106 15.48 3.68 -3.95
N ILE A 107 14.45 2.93 -4.28
CA ILE A 107 14.52 1.98 -5.40
C ILE A 107 14.65 2.74 -6.72
N LEU A 108 13.83 3.77 -6.88
CA LEU A 108 13.78 4.55 -8.08
C LEU A 108 15.08 5.33 -8.28
N ALA A 109 15.65 5.80 -7.17
CA ALA A 109 16.87 6.61 -7.22
C ALA A 109 18.02 5.90 -7.91
N TYR A 110 18.05 4.57 -7.83
CA TYR A 110 19.11 3.82 -8.51
C TYR A 110 19.08 4.05 -10.01
N TYR A 111 17.89 3.96 -10.53
CA TYR A 111 17.63 4.11 -11.95
C TYR A 111 17.75 5.56 -12.43
N ASP A 112 17.29 6.48 -11.61
CA ASP A 112 17.33 7.88 -11.97
C ASP A 112 18.69 8.53 -11.67
N LYS A 113 19.60 7.83 -11.01
CA LYS A 113 20.90 8.36 -10.61
C LYS A 113 20.67 9.60 -9.75
N ALA A 114 19.92 9.39 -8.67
CA ALA A 114 19.52 10.47 -7.77
C ALA A 114 19.88 10.18 -6.33
N GLN A 115 19.93 11.24 -5.55
CA GLN A 115 19.91 11.15 -4.11
C GLN A 115 18.50 11.43 -3.58
N VAL A 116 18.09 10.68 -2.58
CA VAL A 116 16.79 10.83 -1.91
C VAL A 116 16.95 11.84 -0.77
N ILE A 117 16.04 12.80 -0.70
CA ILE A 117 15.96 13.77 0.41
C ILE A 117 14.57 13.60 1.05
N ASN A 118 14.57 13.15 2.30
CA ASN A 118 13.33 12.94 3.07
C ASN A 118 12.86 14.29 3.60
N ALA A 119 11.57 14.56 3.43
CA ALA A 119 10.98 15.85 3.69
C ALA A 119 9.50 15.60 4.00
N ASP A 120 8.70 16.60 3.74
CA ASP A 120 7.25 16.52 3.88
C ASP A 120 6.59 16.91 2.57
N GLY A 121 5.28 16.74 2.51
CA GLY A 121 4.60 16.88 1.25
C GLY A 121 4.75 18.26 0.62
N ASP A 122 4.60 19.31 1.45
CA ASP A 122 4.68 20.68 0.91
C ASP A 122 6.08 20.91 0.31
N THR A 123 7.11 20.45 1.01
CA THR A 123 8.49 20.62 0.53
C THR A 123 8.71 19.85 -0.76
N CYS A 124 8.16 18.66 -0.83
CA CYS A 124 8.25 17.87 -2.06
C CYS A 124 7.65 18.60 -3.26
N ILE A 125 6.46 19.18 -3.07
CA ILE A 125 5.85 19.92 -4.13
C ILE A 125 6.71 21.11 -4.56
N LYS A 126 7.16 21.87 -3.60
CA LYS A 126 7.96 23.07 -3.90
C LYS A 126 9.23 22.71 -4.64
N MSE A 127 9.95 21.71 -4.15
N MSE A 127 9.93 21.70 -4.14
CA MSE A 127 11.22 21.40 -4.78
CA MSE A 127 11.20 21.27 -4.70
C MSE A 127 11.06 20.76 -6.16
C MSE A 127 11.05 20.76 -6.13
O MSE A 127 11.91 20.97 -7.05
O MSE A 127 11.90 21.03 -6.98
CB MSE A 127 12.13 20.60 -3.87
CB MSE A 127 11.84 20.20 -3.82
CG MSE A 127 12.42 21.24 -2.51
CG MSE A 127 12.46 20.74 -2.56
SE MSE A 127 13.16 23.07 -2.65
SE MSE A 127 13.88 22.02 -2.94
CE MSE A 127 14.95 22.59 -3.34
CE MSE A 127 12.80 23.47 -3.54
N ALA A 128 9.98 20.00 -6.38
CA ALA A 128 9.67 19.56 -7.73
C ALA A 128 9.38 20.73 -8.68
N ASN A 129 8.66 21.73 -8.19
CA ASN A 129 8.41 22.91 -8.98
C ASN A 129 9.65 23.73 -9.25
N GLU A 130 10.64 23.61 -8.36
CA GLU A 130 11.95 24.25 -8.56
C GLU A 130 12.89 23.50 -9.49
N GLY A 131 12.50 22.32 -9.95
CA GLY A 131 13.25 21.61 -10.95
C GLY A 131 13.85 20.29 -10.53
N TYR A 132 13.66 19.90 -9.26
CA TYR A 132 13.99 18.56 -8.80
C TYR A 132 12.80 17.63 -9.09
N SER A 133 12.86 16.42 -8.57
CA SER A 133 11.75 15.48 -8.61
C SER A 133 11.30 15.12 -7.21
N ALA A 134 10.12 14.51 -7.10
CA ALA A 134 9.59 14.07 -5.83
C ALA A 134 8.74 12.82 -6.06
N LEU A 135 8.60 12.02 -5.00
N LEU A 135 8.61 12.01 -5.02
CA LEU A 135 7.73 10.86 -4.98
CA LEU A 135 7.73 10.85 -5.01
C LEU A 135 6.83 11.02 -3.78
C LEU A 135 6.84 11.02 -3.79
N VAL A 136 5.53 11.19 -4.01
CA VAL A 136 4.59 11.49 -2.95
C VAL A 136 3.34 10.63 -3.12
N GLY A 137 2.61 10.45 -2.05
CA GLY A 137 1.29 9.84 -2.19
C GLY A 137 0.38 10.71 -3.04
N ASN A 138 -0.58 10.08 -3.71
CA ASN A 138 -1.48 10.80 -4.60
C ASN A 138 -2.35 11.82 -3.86
N GLU A 139 -2.51 11.65 -2.55
CA GLU A 139 -3.26 12.62 -1.74
C GLU A 139 -2.52 13.95 -1.61
N ILE A 140 -1.21 13.94 -1.83
CA ILE A 140 -0.38 15.15 -1.82
C ILE A 140 -0.46 15.88 -3.13
N SER A 141 -0.28 15.18 -4.23
CA SER A 141 -0.33 15.74 -5.56
C SER A 141 -0.45 14.61 -6.56
N ILE A 142 -1.22 14.87 -7.62
N ILE A 142 -1.30 14.78 -7.59
CA ILE A 142 -1.25 13.98 -8.75
CA ILE A 142 -1.40 13.78 -8.66
C ILE A 142 -0.10 14.31 -9.67
C ILE A 142 -0.43 14.15 -9.81
N GLY A 143 0.51 13.25 -10.14
CA GLY A 143 1.59 13.43 -11.10
C GLY A 143 1.71 12.17 -11.95
N LYS A 144 2.92 11.80 -12.34
CA LYS A 144 3.11 10.61 -13.18
C LYS A 144 2.95 9.41 -12.28
N SER A 145 2.18 8.41 -12.72
CA SER A 145 1.96 7.20 -11.92
C SER A 145 3.26 6.48 -11.62
N PHE A 146 3.53 6.19 -10.34
CA PHE A 146 4.68 5.41 -9.99
C PHE A 146 4.57 3.97 -10.53
N ARG A 147 3.34 3.42 -10.48
N ARG A 147 3.40 3.35 -10.53
CA ARG A 147 3.02 2.08 -11.09
CA ARG A 147 3.34 2.00 -11.14
C ARG A 147 3.46 2.08 -12.56
C ARG A 147 3.78 2.08 -12.64
N ASN A 148 3.20 3.16 -13.27
N ASN A 148 3.26 3.07 -13.36
CA ASN A 148 3.53 3.19 -14.67
CA ASN A 148 3.66 3.22 -14.76
C ASN A 148 5.05 3.35 -14.91
C ASN A 148 5.14 3.29 -14.90
N ARG A 149 5.76 4.11 -14.06
CA ARG A 149 7.19 4.23 -14.10
C ARG A 149 7.86 2.86 -13.85
N MSE A 150 7.36 2.10 -12.89
N MSE A 150 7.36 2.15 -12.84
CA MSE A 150 7.94 0.78 -12.62
CA MSE A 150 7.84 0.80 -12.54
C MSE A 150 7.61 -0.29 -13.68
C MSE A 150 7.71 -0.11 -13.78
O MSE A 150 8.33 -1.26 -13.87
O MSE A 150 8.73 -0.74 -14.19
CB MSE A 150 7.56 0.34 -11.22
CB MSE A 150 7.14 0.24 -11.30
CG MSE A 150 8.04 1.33 -10.16
CG MSE A 150 7.54 0.96 -10.01
SE MSE A 150 9.94 1.22 -9.85
SE MSE A 150 9.41 0.71 -9.63
CE MSE A 150 9.79 -0.33 -8.57
CE MSE A 150 10.53 2.11 -10.34
N LYS A 151 6.53 -0.09 -14.42
CA LYS A 151 6.31 -0.87 -15.66
C LYS A 151 7.37 -0.56 -16.70
N GLU A 152 7.67 0.73 -16.90
CA GLU A 152 8.75 1.15 -17.80
C GLU A 152 10.08 0.44 -17.46
N LEU A 153 10.35 0.26 -16.17
CA LEU A 153 11.58 -0.35 -15.69
C LEU A 153 11.53 -1.89 -15.60
N GLY A 154 10.38 -2.50 -15.89
CA GLY A 154 10.17 -3.95 -15.73
C GLY A 154 10.09 -4.45 -14.29
N LEU A 155 9.54 -3.61 -13.41
CA LEU A 155 9.52 -3.86 -11.97
C LEU A 155 8.12 -3.69 -11.39
N ASP A 156 7.13 -4.03 -12.23
CA ASP A 156 5.71 -4.04 -11.87
C ASP A 156 5.37 -5.22 -11.00
N LEU A 157 5.43 -4.99 -9.69
CA LEU A 157 5.31 -6.06 -8.67
C LEU A 157 4.45 -5.53 -7.54
N PRO A 158 3.81 -6.40 -6.78
CA PRO A 158 2.94 -5.96 -5.70
C PRO A 158 3.74 -5.41 -4.53
N SER A 159 3.46 -4.18 -4.14
CA SER A 159 4.13 -3.57 -2.99
C SER A 159 3.48 -3.79 -1.64
N CYS A 160 2.27 -4.38 -1.63
CA CYS A 160 1.56 -4.69 -0.40
C CYS A 160 1.31 -6.18 -0.35
N ALA A 161 1.16 -6.68 0.87
CA ALA A 161 1.09 -8.10 1.10
C ALA A 161 0.10 -8.47 2.17
N MSE A 162 -0.36 -9.72 2.12
CA MSE A 162 -1.20 -10.34 3.16
C MSE A 162 -0.37 -11.49 3.73
O MSE A 162 0.20 -12.25 2.96
CB MSE A 162 -2.51 -10.89 2.56
CG MSE A 162 -3.19 -9.98 1.54
SE MSE A 162 -4.95 -10.74 1.21
CE MSE A 162 -5.34 -9.60 -0.33
N ALA A 163 -0.31 -11.61 5.03
CA ALA A 163 0.53 -12.63 5.69
C ALA A 163 -0.19 -13.27 6.85
N SER A 164 0.07 -14.55 7.06
CA SER A 164 -0.46 -15.30 8.20
C SER A 164 0.37 -16.57 8.36
N THR A 165 -0.19 -17.58 9.03
CA THR A 165 0.51 -18.86 9.19
C THR A 165 0.18 -19.85 8.06
N ARG A 166 -0.82 -19.53 7.25
CA ARG A 166 -1.28 -20.30 6.10
C ARG A 166 -2.02 -19.35 5.16
N ARG A 167 -2.29 -19.78 3.93
N ARG A 167 -2.37 -19.81 3.96
CA ARG A 167 -3.15 -19.05 3.03
CA ARG A 167 -3.15 -19.00 3.01
C ARG A 167 -4.52 -19.00 3.70
C ARG A 167 -4.62 -19.01 3.42
N ILE A 168 -5.16 -17.82 3.68
CA ILE A 168 -6.51 -17.66 4.22
C ILE A 168 -7.40 -17.21 3.07
N ASP A 169 -8.09 -18.19 2.45
CA ASP A 169 -8.92 -17.88 1.31
C ASP A 169 -10.06 -16.91 1.61
N GLU A 170 -10.60 -17.01 2.82
CA GLU A 170 -11.75 -16.15 3.20
C GLU A 170 -11.34 -14.64 3.17
N VAL A 171 -10.09 -14.35 3.53
CA VAL A 171 -9.62 -12.98 3.56
C VAL A 171 -9.42 -12.50 2.11
N ILE A 172 -8.86 -13.34 1.25
CA ILE A 172 -8.69 -13.02 -0.16
C ILE A 172 -10.03 -12.74 -0.83
N GLU A 173 -10.98 -13.64 -0.58
N GLU A 173 -11.00 -13.63 -0.63
CA GLU A 173 -12.29 -13.53 -1.17
CA GLU A 173 -12.31 -13.46 -1.24
C GLU A 173 -13.00 -12.24 -0.75
C GLU A 173 -12.99 -12.19 -0.76
N ALA A 174 -12.94 -11.92 0.54
CA ALA A 174 -13.52 -10.67 1.06
C ALA A 174 -12.84 -9.47 0.42
N TYR A 175 -11.53 -9.56 0.28
CA TYR A 175 -10.77 -8.45 -0.28
C TYR A 175 -11.23 -8.15 -1.72
N GLU A 176 -11.38 -9.21 -2.55
N GLU A 176 -11.39 -9.20 -2.53
CA GLU A 176 -11.91 -9.05 -3.91
CA GLU A 176 -11.86 -9.03 -3.89
C GLU A 176 -13.30 -8.41 -3.89
C GLU A 176 -13.30 -8.47 -3.93
N GLN A 177 -14.16 -8.86 -2.97
CA GLN A 177 -15.52 -8.26 -2.85
C GLN A 177 -15.40 -6.78 -2.56
N GLY A 178 -14.45 -6.41 -1.70
CA GLY A 178 -14.28 -5.00 -1.40
C GLY A 178 -13.73 -4.18 -2.57
N ILE A 179 -12.83 -4.77 -3.35
CA ILE A 179 -12.34 -4.13 -4.57
C ILE A 179 -13.52 -3.83 -5.52
N ASP A 180 -14.44 -4.79 -5.65
N ASP A 180 -14.42 -4.81 -5.66
CA ASP A 180 -15.62 -4.62 -6.49
CA ASP A 180 -15.62 -4.66 -6.45
C ASP A 180 -16.51 -3.49 -5.92
C ASP A 180 -16.52 -3.53 -5.93
N PHE A 181 -16.67 -3.45 -4.61
CA PHE A 181 -17.43 -2.38 -3.99
C PHE A 181 -16.85 -1.01 -4.37
N ILE A 182 -15.55 -0.84 -4.25
CA ILE A 182 -14.93 0.45 -4.53
C ILE A 182 -15.18 0.80 -6.00
N LYS A 183 -14.90 -0.13 -6.90
CA LYS A 183 -15.04 0.14 -8.34
C LYS A 183 -16.43 0.64 -8.70
N ASN A 184 -17.46 0.09 -8.04
CA ASN A 184 -18.86 0.38 -8.31
C ASN A 184 -19.50 1.49 -7.47
N ASN A 185 -18.76 2.03 -6.49
CA ASN A 185 -19.34 2.96 -5.51
C ASN A 185 -18.25 3.97 -5.07
N HIS A 186 -17.68 4.70 -6.01
CA HIS A 186 -16.58 5.62 -5.64
C HIS A 186 -16.96 6.57 -4.52
N GLU A 187 -18.13 7.22 -4.62
CA GLU A 187 -18.48 8.24 -3.61
C GLU A 187 -18.69 7.64 -2.24
N ARG A 188 -19.49 6.58 -2.19
CA ARG A 188 -19.75 5.96 -0.89
C ARG A 188 -18.45 5.41 -0.30
N ALA A 189 -17.66 4.75 -1.14
CA ALA A 189 -16.35 4.23 -0.69
C ALA A 189 -15.48 5.34 -0.16
N ALA A 190 -15.45 6.47 -0.84
CA ALA A 190 -14.68 7.62 -0.36
C ALA A 190 -15.14 8.13 1.01
N GLU A 191 -16.48 8.20 1.18
N GLU A 191 -16.46 8.22 1.22
N GLU A 191 -16.48 8.21 1.20
CA GLU A 191 -17.08 8.58 2.46
CA GLU A 191 -16.95 8.65 2.52
CA GLU A 191 -17.05 8.58 2.49
C GLU A 191 -16.60 7.67 3.57
C GLU A 191 -16.61 7.67 3.62
C GLU A 191 -16.57 7.66 3.58
N ILE A 192 -16.74 6.36 3.35
CA ILE A 192 -16.41 5.36 4.34
C ILE A 192 -14.92 5.41 4.71
N ILE A 193 -14.07 5.45 3.70
CA ILE A 193 -12.62 5.47 3.91
C ILE A 193 -12.20 6.70 4.67
N SER A 194 -12.75 7.84 4.28
N SER A 194 -12.73 7.86 4.29
CA SER A 194 -12.45 9.10 4.97
CA SER A 194 -12.45 9.10 5.05
C SER A 194 -12.86 9.03 6.45
C SER A 194 -12.82 8.92 6.50
N LYS A 195 -14.08 8.53 6.73
CA LYS A 195 -14.54 8.41 8.12
C LYS A 195 -13.74 7.44 8.97
N LYS A 196 -13.44 6.26 8.40
CA LYS A 196 -12.78 5.21 9.17
C LYS A 196 -11.25 5.40 9.29
N SER A 197 -10.62 6.13 8.40
N SER A 197 -10.66 6.01 8.28
CA SER A 197 -9.17 6.33 8.51
CA SER A 197 -9.20 6.10 8.15
C SER A 197 -8.85 7.47 9.45
C SER A 197 -8.58 7.00 9.17
N GLY A 198 -9.69 8.49 9.41
N GLY A 198 -9.35 8.00 9.60
CA GLY A 198 -9.43 9.72 10.13
CA GLY A 198 -8.83 9.07 10.43
C GLY A 198 -8.21 10.42 9.60
C GLY A 198 -7.65 9.75 9.77
N TYR A 199 -7.71 9.97 8.45
CA TYR A 199 -6.52 10.54 7.83
C TYR A 199 -6.80 11.37 6.60
N TYR A 200 -7.71 10.94 5.74
CA TYR A 200 -8.02 11.58 4.50
C TYR A 200 -9.35 12.29 4.63
N SER A 201 -9.44 13.46 4.05
CA SER A 201 -10.74 14.11 3.91
C SER A 201 -11.60 13.41 2.84
N GLU A 202 -12.90 13.58 2.92
CA GLU A 202 -13.77 13.04 1.90
C GLU A 202 -13.46 13.65 0.52
N GLU A 203 -13.17 14.96 0.51
CA GLU A 203 -12.89 15.67 -0.74
C GLU A 203 -11.65 15.08 -1.43
N VAL A 204 -10.60 14.87 -0.64
N VAL A 204 -10.57 14.85 -0.70
CA VAL A 204 -9.35 14.30 -1.14
CA VAL A 204 -9.38 14.29 -1.37
C VAL A 204 -9.53 12.87 -1.63
C VAL A 204 -9.64 12.84 -1.76
N MSE A 205 -10.27 12.07 -0.86
CA MSE A 205 -10.50 10.68 -1.22
C MSE A 205 -11.37 10.56 -2.45
O MSE A 205 -11.15 9.72 -3.33
CB MSE A 205 -11.07 9.87 -0.06
CG MSE A 205 -11.10 8.35 -0.34
SE MSE A 205 -9.45 7.52 -0.88
CE MSE A 205 -8.62 8.37 0.64
N LYS A 206 -12.40 11.40 -2.59
CA LYS A 206 -13.20 11.36 -3.82
C LYS A 206 -12.35 11.66 -5.07
N LYS A 207 -11.37 12.55 -4.94
CA LYS A 207 -10.53 12.88 -6.08
C LYS A 207 -9.61 11.75 -6.48
N ILE A 208 -9.09 11.02 -5.51
CA ILE A 208 -8.02 10.04 -5.80
C ILE A 208 -8.43 8.56 -5.80
N ILE A 209 -9.63 8.25 -5.37
CA ILE A 209 -10.01 6.86 -5.11
C ILE A 209 -9.92 5.99 -6.35
N GLY A 210 -10.24 6.57 -7.51
CA GLY A 210 -10.20 5.79 -8.74
C GLY A 210 -8.84 5.42 -9.29
N ILE A 211 -7.80 6.08 -8.75
CA ILE A 211 -6.44 5.83 -9.23
C ILE A 211 -5.90 4.50 -8.70
N TYR A 212 -6.29 4.11 -7.50
CA TYR A 212 -5.64 2.96 -6.85
C TYR A 212 -5.62 1.71 -7.66
N GLY A 213 -6.76 1.32 -8.23
CA GLY A 213 -6.78 0.13 -9.04
C GLY A 213 -6.28 -1.14 -8.38
N HIS A 214 -6.68 -1.35 -7.12
CA HIS A 214 -6.26 -2.53 -6.37
C HIS A 214 -6.39 -3.81 -7.18
N GLU A 215 -5.38 -4.65 -7.17
CA GLU A 215 -5.43 -5.96 -7.80
C GLU A 215 -4.64 -6.98 -6.98
N VAL A 216 -5.31 -8.07 -6.63
CA VAL A 216 -4.71 -9.15 -5.85
C VAL A 216 -3.94 -10.10 -6.76
N THR A 217 -2.78 -10.56 -6.31
CA THR A 217 -2.10 -11.67 -6.94
C THR A 217 -1.73 -12.72 -5.92
N LYS A 218 -1.86 -13.98 -6.33
CA LYS A 218 -1.38 -15.12 -5.57
C LYS A 218 -0.23 -15.84 -6.27
N LYS A 219 0.29 -15.24 -7.34
N LYS A 219 0.30 -15.24 -7.33
CA LYS A 219 1.32 -15.89 -8.17
CA LYS A 219 1.35 -15.87 -8.13
C LYS A 219 2.65 -15.86 -7.42
C LYS A 219 2.64 -15.85 -7.34
N ARG A 220 3.18 -17.04 -7.09
CA ARG A 220 4.38 -17.17 -6.28
C ARG A 220 5.52 -16.33 -6.85
N ALA A 221 5.75 -16.38 -8.16
CA ALA A 221 6.89 -15.66 -8.70
C ALA A 221 6.77 -14.16 -8.50
N GLU A 222 5.55 -13.65 -8.50
CA GLU A 222 5.35 -12.19 -8.28
C GLU A 222 5.63 -11.81 -6.83
N LEU A 223 5.20 -12.65 -5.91
CA LEU A 223 5.50 -12.46 -4.49
C LEU A 223 6.99 -12.54 -4.18
N VAL A 224 7.64 -13.58 -4.73
CA VAL A 224 9.09 -13.73 -4.60
C VAL A 224 9.80 -12.53 -5.24
N GLY A 225 9.32 -12.10 -6.41
CA GLY A 225 9.92 -10.94 -7.07
C GLY A 225 9.84 -9.69 -6.21
N SER A 226 8.70 -9.43 -5.61
N SER A 226 8.66 -9.45 -5.65
CA SER A 226 8.58 -8.23 -4.79
CA SER A 226 8.48 -8.31 -4.73
C SER A 226 9.43 -8.30 -3.51
C SER A 226 9.44 -8.34 -3.58
N ARG A 227 9.55 -9.49 -2.92
CA ARG A 227 10.40 -9.65 -1.77
C ARG A 227 11.84 -9.34 -2.17
N GLU A 228 12.27 -9.85 -3.33
CA GLU A 228 13.62 -9.61 -3.81
C GLU A 228 13.84 -8.12 -4.09
N LEU A 229 12.92 -7.47 -4.79
CA LEU A 229 13.04 -6.04 -5.08
C LEU A 229 13.17 -5.21 -3.83
N TYR A 230 12.24 -5.38 -2.90
CA TYR A 230 12.22 -4.56 -1.72
C TYR A 230 13.31 -4.93 -0.71
N SER A 231 13.88 -6.12 -0.79
N SER A 231 13.87 -6.12 -0.84
CA SER A 231 15.04 -6.41 0.04
CA SER A 231 15.05 -6.52 -0.07
C SER A 231 16.24 -5.52 -0.27
C SER A 231 16.26 -5.64 -0.33
N ARG A 232 16.25 -4.88 -1.43
CA ARG A 232 17.32 -3.92 -1.74
C ARG A 232 17.40 -2.83 -0.69
N VAL A 233 16.27 -2.50 -0.10
CA VAL A 233 16.15 -1.41 0.86
C VAL A 233 15.68 -1.82 2.29
N VAL A 234 15.10 -3.03 2.45
CA VAL A 234 14.70 -3.63 3.71
C VAL A 234 15.29 -5.08 3.72
N PRO A 235 16.57 -5.21 4.08
CA PRO A 235 17.24 -6.50 3.91
C PRO A 235 16.60 -7.65 4.68
N GLU A 236 16.00 -7.32 5.82
N GLU A 236 16.00 -7.39 5.83
CA GLU A 236 15.28 -8.27 6.67
CA GLU A 236 15.38 -8.48 6.59
C GLU A 236 14.15 -9.02 5.93
C GLU A 236 14.18 -9.11 5.87
N LEU A 237 13.72 -8.49 4.78
CA LEU A 237 12.69 -9.10 3.97
C LEU A 237 13.04 -10.47 3.45
N ASN A 238 14.33 -10.71 3.22
CA ASN A 238 14.76 -11.95 2.61
C ASN A 238 14.44 -13.14 3.48
N ASP A 239 14.27 -12.88 4.76
CA ASP A 239 13.93 -13.92 5.72
C ASP A 239 12.43 -14.19 5.89
N ILE A 240 11.60 -13.48 5.15
CA ILE A 240 10.15 -13.72 5.18
C ILE A 240 9.80 -14.77 4.12
N GLU A 241 9.12 -15.81 4.56
CA GLU A 241 8.73 -16.89 3.72
C GLU A 241 7.43 -16.54 2.98
N ILE A 242 7.26 -17.11 1.79
CA ILE A 242 6.10 -17.02 0.93
C ILE A 242 5.45 -18.40 0.82
N ILE A 243 4.15 -18.46 1.02
CA ILE A 243 3.46 -19.71 1.01
C ILE A 243 2.53 -19.71 -0.19
N GLY A 244 2.44 -20.89 -0.80
CA GLY A 244 1.85 -21.04 -2.13
C GLY A 244 2.83 -21.26 -3.32
O1 UNL B . 4.10 1.17 -4.16
O2 UNL B . 2.81 1.29 -6.31
O3 UNL B . 4.64 -0.14 -7.63
O4 UNL B . 6.23 -1.62 -6.87
O5 UNL B . 6.27 -2.16 -8.72
CL CL C . 1.96 -1.91 -5.88
CL CL D . 9.93 -18.80 0.80
CL CL E . 12.93 11.57 7.73
CL CL F . -3.25 -14.67 -8.95
CL CL G . 8.07 -15.73 7.36
C ACT H . -0.07 6.91 0.72
O ACT H . 0.40 7.99 1.16
OXT ACT H . -0.49 6.89 -0.47
CH3 ACT H . -0.14 5.69 1.59
C1 EDO I . -17.09 -12.36 2.97
O1 EDO I . -16.53 -12.67 1.69
C2 EDO I . -17.43 -10.88 3.08
O2 EDO I . -18.74 -10.60 2.56
C1 EDO J . 22.05 16.55 -4.90
O1 EDO J . 21.83 17.33 -6.07
C2 EDO J . 22.54 15.20 -5.33
O2 EDO J . 23.79 15.42 -6.02
C1 EDO K . 20.37 7.21 -3.25
O1 EDO K . 21.56 6.82 -2.54
C2 EDO K . 19.38 7.54 -2.16
O2 EDO K . 19.84 8.68 -1.41
C1 EDO L . 3.75 19.65 5.44
O1 EDO L . 3.56 18.87 4.23
C2 EDO L . 3.09 19.10 6.70
O2 EDO L . 3.42 17.71 6.92
#